data_8IN2
#
_entry.id   8IN2
#
_cell.length_a   95.873
_cell.length_b   95.873
_cell.length_c   124.908
_cell.angle_alpha   90.000
_cell.angle_beta   90.000
_cell.angle_gamma   120.000
#
_symmetry.space_group_name_H-M   'P 31 2 1'
#
loop_
_entity.id
_entity.type
_entity.pdbx_description
1 polymer '4,5-DOPA dioxygenase extradiol'
2 non-polymer 'FE (III) ION'
3 water water
#
_entity_poly.entity_id   1
_entity_poly.type   'polypeptide(L)'
_entity_poly.pdbx_seq_one_letter_code
;MGSEDNIKETFFISHGTPMMAIDDSKPSKKFLESWREKIFSKKPKAILVISAHWETDQPSVNVVDINDTIYDFRGFPARL
YQFKYSAPGSPELANRIQDLLAGSGFKSVNTDKKRGLDHGAWVPLMLMYPEADIPVCQLSVQSHLDGTHHYKLGQALAPL
KDEGVLIIGSGSATHPSNGTPPCSDGVAPWAAAFDSWLETALTNGSYEEVNKYETKAPNWKLAHPWPEHFYPLHVAMGAA
GENSKAELIHNSWDGGIMSYGSYKFTSTLEHHHHHH
;
_entity_poly.pdbx_strand_id   A,B
#
loop_
_chem_comp.id
_chem_comp.type
_chem_comp.name
_chem_comp.formula
FE non-polymer 'FE (III) ION' 'Fe 3'
#
# COMPACT_ATOMS: atom_id res chain seq x y z
N ASN A 6 -3.54 -0.12 -22.81
CA ASN A 6 -2.07 -0.08 -22.72
C ASN A 6 -1.58 0.04 -21.28
N ILE A 7 -1.93 1.16 -20.64
CA ILE A 7 -1.57 1.49 -19.26
C ILE A 7 -2.79 1.30 -18.37
N LYS A 8 -2.62 0.55 -17.28
CA LYS A 8 -3.76 0.21 -16.43
C LYS A 8 -3.67 0.82 -15.03
N GLU A 9 -2.77 1.78 -14.81
CA GLU A 9 -2.55 2.39 -13.51
C GLU A 9 -2.53 3.91 -13.61
N THR A 10 -2.96 4.52 -12.51
CA THR A 10 -2.82 5.93 -12.24
C THR A 10 -2.19 6.06 -10.86
N PHE A 11 -1.57 7.19 -10.59
CA PHE A 11 -0.87 7.36 -9.32
C PHE A 11 -1.18 8.70 -8.66
N PHE A 12 -1.07 8.72 -7.35
CA PHE A 12 -0.96 9.96 -6.59
C PHE A 12 0.37 9.90 -5.88
N ILE A 13 1.22 10.90 -6.08
CA ILE A 13 2.47 10.99 -5.35
C ILE A 13 2.49 12.31 -4.60
N SER A 14 3.49 12.46 -3.75
CA SER A 14 3.62 13.66 -2.95
C SER A 14 4.85 14.43 -3.43
N HIS A 15 4.61 15.59 -4.04
CA HIS A 15 5.66 16.46 -4.55
C HIS A 15 6.57 16.98 -3.44
N GLY A 16 6.22 16.75 -2.16
CA GLY A 16 7.04 17.17 -1.05
C GLY A 16 7.26 18.68 -1.01
N THR A 17 8.52 19.07 -0.98
CA THR A 17 8.97 20.44 -1.09
C THR A 17 10.16 20.41 -2.05
N PRO A 18 10.57 21.56 -2.57
CA PRO A 18 11.64 21.54 -3.59
C PRO A 18 12.93 20.89 -3.08
N MET A 19 13.11 20.83 -1.77
CA MET A 19 14.31 20.20 -1.23
C MET A 19 14.42 18.75 -1.65
N MET A 20 13.31 18.12 -1.98
CA MET A 20 13.35 16.73 -2.40
C MET A 20 14.11 16.54 -3.70
N ALA A 21 14.61 17.60 -4.33
CA ALA A 21 15.46 17.39 -5.48
C ALA A 21 16.88 17.04 -5.03
N ILE A 22 17.30 17.57 -3.89
CA ILE A 22 18.68 17.42 -3.43
C ILE A 22 18.79 16.80 -2.05
N ASP A 23 17.77 16.90 -1.20
CA ASP A 23 17.87 16.37 0.15
C ASP A 23 17.73 14.85 0.07
N ASP A 24 18.83 14.15 0.24
CA ASP A 24 18.80 12.71 0.20
C ASP A 24 18.51 12.13 1.56
N SER A 25 18.19 12.97 2.54
CA SER A 25 17.70 12.48 3.82
C SER A 25 16.18 12.29 3.80
N LYS A 26 15.59 12.28 2.60
CA LYS A 26 14.17 12.06 2.46
C LYS A 26 13.97 10.73 1.75
N PRO A 27 13.30 9.75 2.35
CA PRO A 27 12.98 8.51 1.63
C PRO A 27 12.15 8.76 0.39
N SER A 28 11.44 9.89 0.37
CA SER A 28 10.66 10.29 -0.79
C SER A 28 11.54 10.31 -2.03
N LYS A 29 12.77 10.81 -1.89
CA LYS A 29 13.65 10.95 -3.05
C LYS A 29 14.11 9.59 -3.57
N LYS A 30 14.60 8.72 -2.69
CA LYS A 30 15.02 7.39 -3.13
C LYS A 30 13.84 6.63 -3.74
N PHE A 31 12.64 6.86 -3.21
CA PHE A 31 11.43 6.26 -3.76
C PHE A 31 11.17 6.75 -5.18
N LEU A 32 11.18 8.06 -5.38
CA LEU A 32 10.88 8.58 -6.71
C LEU A 32 11.94 8.16 -7.72
N GLU A 33 13.22 8.17 -7.30
CA GLU A 33 14.31 7.80 -8.19
C GLU A 33 14.22 6.36 -8.66
N SER A 34 13.68 5.45 -7.83
CA SER A 34 13.50 4.05 -8.20
C SER A 34 12.28 3.82 -9.06
N TRP A 35 11.71 4.89 -9.61
CA TRP A 35 10.42 4.80 -10.28
C TRP A 35 10.45 3.81 -11.45
N ARG A 36 11.39 4.02 -12.38
CA ARG A 36 11.32 3.20 -13.58
C ARG A 36 11.75 1.76 -13.32
N GLU A 37 12.52 1.52 -12.25
CA GLU A 37 12.94 0.15 -12.03
C GLU A 37 11.98 -0.61 -11.14
N LYS A 38 11.42 0.02 -10.12
CA LYS A 38 10.65 -0.72 -9.13
C LYS A 38 9.16 -0.41 -9.10
N ILE A 39 8.72 0.70 -9.67
CA ILE A 39 7.37 1.19 -9.46
C ILE A 39 6.54 1.05 -10.72
N PHE A 40 7.01 1.62 -11.83
CA PHE A 40 6.34 1.56 -13.13
C PHE A 40 7.38 1.40 -14.24
N SER A 41 7.49 0.18 -14.78
CA SER A 41 8.56 -0.10 -15.74
C SER A 41 8.17 0.33 -17.14
N LYS A 42 6.88 0.30 -17.49
CA LYS A 42 6.45 0.68 -18.83
C LYS A 42 6.85 2.12 -19.15
N LYS A 43 7.19 2.34 -20.41
CA LYS A 43 7.50 3.66 -20.91
C LYS A 43 6.21 4.26 -21.41
N PRO A 44 5.71 5.35 -20.82
CA PRO A 44 4.43 5.91 -21.27
C PRO A 44 4.61 6.77 -22.51
N LYS A 45 3.56 6.84 -23.32
CA LYS A 45 3.65 7.70 -24.49
C LYS A 45 3.76 9.16 -24.08
N ALA A 46 2.93 9.59 -23.13
CA ALA A 46 3.05 10.93 -22.56
C ALA A 46 2.63 10.87 -21.11
N ILE A 47 2.93 11.94 -20.40
CA ILE A 47 2.67 12.05 -18.97
C ILE A 47 1.77 13.25 -18.76
N LEU A 48 0.67 13.04 -18.04
CA LEU A 48 -0.19 14.11 -17.58
C LEU A 48 -0.07 14.21 -16.06
N VAL A 49 0.18 15.43 -15.57
CA VAL A 49 0.38 15.71 -14.15
C VAL A 49 -0.68 16.71 -13.72
N ILE A 50 -1.48 16.34 -12.71
CA ILE A 50 -2.38 17.29 -12.06
C ILE A 50 -1.61 17.82 -10.88
N SER A 51 -1.04 18.99 -11.01
CA SER A 51 -0.18 19.43 -9.92
C SER A 51 -0.92 20.42 -9.05
N ALA A 52 -0.73 20.28 -7.75
CA ALA A 52 -1.37 21.15 -6.78
C ALA A 52 -0.85 22.56 -6.85
N HIS A 53 0.34 22.77 -7.43
CA HIS A 53 0.89 24.11 -7.54
C HIS A 53 0.50 24.77 -8.86
N TRP A 54 -0.74 24.54 -9.30
CA TRP A 54 -1.27 25.29 -10.42
C TRP A 54 -2.78 25.22 -10.27
N GLU A 55 -3.34 26.22 -9.60
CA GLU A 55 -4.77 26.25 -9.43
C GLU A 55 -5.36 27.38 -10.23
N THR A 56 -6.56 27.11 -10.75
CA THR A 56 -7.27 28.02 -11.64
C THR A 56 -8.76 27.84 -11.36
N ASP A 57 -9.56 28.76 -11.89
CA ASP A 57 -11.01 28.76 -11.68
C ASP A 57 -11.70 27.70 -12.52
N GLN A 58 -11.20 27.49 -13.72
CA GLN A 58 -11.76 26.47 -14.59
C GLN A 58 -10.63 25.52 -14.98
N PRO A 59 -10.97 24.30 -15.38
CA PRO A 59 -9.93 23.36 -15.79
C PRO A 59 -9.03 24.01 -16.82
N SER A 60 -7.72 23.76 -16.72
CA SER A 60 -6.80 24.45 -17.60
C SER A 60 -5.71 23.49 -18.03
N VAL A 61 -5.37 23.56 -19.31
CA VAL A 61 -4.39 22.62 -19.85
C VAL A 61 -3.19 23.38 -20.36
N ASN A 62 -2.08 22.67 -20.35
CA ASN A 62 -0.78 23.19 -20.72
C ASN A 62 -0.56 22.89 -22.20
N VAL A 63 -0.45 23.92 -23.03
CA VAL A 63 -0.27 23.74 -24.47
C VAL A 63 1.02 24.43 -24.87
N VAL A 64 2.14 23.69 -24.87
CA VAL A 64 3.42 24.22 -25.32
C VAL A 64 4.16 23.09 -25.99
N ASP A 65 5.13 23.42 -26.84
CA ASP A 65 5.95 22.36 -27.42
C ASP A 65 7.19 22.07 -26.60
N ILE A 66 7.57 22.95 -25.68
CA ILE A 66 8.59 22.65 -24.69
C ILE A 66 8.16 23.29 -23.39
N ASN A 67 8.30 22.57 -22.28
CA ASN A 67 7.88 23.12 -21.02
C ASN A 67 9.01 23.95 -20.46
N ASP A 68 8.70 25.19 -20.09
CA ASP A 68 9.63 25.98 -19.33
C ASP A 68 9.67 25.40 -17.92
N THR A 69 10.80 25.55 -17.27
CA THR A 69 10.95 25.02 -15.91
C THR A 69 10.71 26.18 -14.94
N ILE A 70 9.56 26.16 -14.28
CA ILE A 70 9.08 27.25 -13.43
C ILE A 70 9.57 27.05 -11.99
N TYR A 71 10.25 28.06 -11.44
CA TYR A 71 10.74 28.03 -10.06
C TYR A 71 9.76 28.73 -9.12
N ASP A 72 8.57 28.14 -8.97
CA ASP A 72 7.53 28.72 -8.10
C ASP A 72 7.78 28.39 -6.63
N PHE A 73 8.95 28.86 -6.15
CA PHE A 73 9.31 28.77 -4.75
C PHE A 73 10.28 29.90 -4.43
N ARG A 74 10.22 30.40 -3.20
CA ARG A 74 11.12 31.44 -2.74
C ARG A 74 11.85 30.99 -1.49
N GLY A 75 13.14 31.27 -1.41
CA GLY A 75 13.90 31.02 -0.20
C GLY A 75 14.69 29.75 -0.13
N PHE A 76 15.09 29.17 -1.26
CA PHE A 76 15.80 27.91 -1.29
C PHE A 76 17.22 28.09 -1.78
N PRO A 77 18.09 27.08 -1.59
CA PRO A 77 19.43 27.13 -2.19
C PRO A 77 19.40 27.54 -3.65
N ALA A 78 20.43 28.30 -4.05
CA ALA A 78 20.48 28.78 -5.43
C ALA A 78 20.63 27.62 -6.40
N ARG A 79 21.20 26.51 -5.92
CA ARG A 79 21.35 25.33 -6.77
C ARG A 79 20.00 24.92 -7.37
N LEU A 80 18.91 25.11 -6.61
CA LEU A 80 17.58 24.71 -7.06
C LEU A 80 17.12 25.53 -8.25
N TYR A 81 17.60 26.76 -8.39
CA TYR A 81 17.16 27.59 -9.50
C TYR A 81 18.00 27.38 -10.73
N GLN A 82 18.97 26.49 -10.67
CA GLN A 82 19.77 26.15 -11.82
C GLN A 82 19.17 25.00 -12.63
N PHE A 83 18.08 24.40 -12.15
CA PHE A 83 17.58 23.15 -12.73
C PHE A 83 16.71 23.41 -13.94
N LYS A 84 16.86 22.58 -14.97
CA LYS A 84 16.00 22.65 -16.14
C LYS A 84 15.50 21.24 -16.46
N TYR A 85 14.19 21.09 -16.46
CA TYR A 85 13.54 19.85 -16.90
C TYR A 85 12.77 20.17 -18.18
N SER A 86 13.54 20.31 -19.26
CA SER A 86 13.00 20.72 -20.55
C SER A 86 12.33 19.51 -21.19
N ALA A 87 11.17 19.17 -20.64
CA ALA A 87 10.54 18.09 -21.36
C ALA A 87 9.58 18.64 -22.42
N PRO A 88 9.37 17.89 -23.49
CA PRO A 88 8.42 18.33 -24.51
C PRO A 88 7.04 18.47 -23.92
N GLY A 89 6.22 19.28 -24.58
CA GLY A 89 4.80 19.31 -24.31
C GLY A 89 4.09 18.51 -25.38
N SER A 90 2.82 18.24 -25.12
CA SER A 90 2.00 17.53 -26.11
C SER A 90 0.72 18.28 -26.41
N PRO A 91 0.75 19.16 -27.42
CA PRO A 91 -0.51 19.78 -27.87
C PRO A 91 -1.52 18.76 -28.32
N GLU A 92 -1.05 17.63 -28.86
CA GLU A 92 -1.92 16.49 -29.11
C GLU A 92 -2.70 16.13 -27.86
N LEU A 93 -1.95 15.84 -26.79
CA LEU A 93 -2.57 15.44 -25.54
C LEU A 93 -3.39 16.59 -24.98
N ALA A 94 -2.93 17.81 -25.14
CA ALA A 94 -3.68 18.94 -24.61
C ALA A 94 -5.08 19.00 -25.21
N ASN A 95 -5.16 18.83 -26.53
CA ASN A 95 -6.46 18.87 -27.19
C ASN A 95 -7.30 17.67 -26.79
N ARG A 96 -6.66 16.50 -26.71
CA ARG A 96 -7.35 15.27 -26.31
C ARG A 96 -8.01 15.45 -24.94
N ILE A 97 -7.31 16.14 -24.03
CA ILE A 97 -7.83 16.46 -22.70
C ILE A 97 -8.98 17.45 -22.77
N GLN A 98 -8.82 18.51 -23.56
CA GLN A 98 -9.92 19.46 -23.76
C GLN A 98 -11.20 18.75 -24.18
N ASP A 99 -11.08 17.86 -25.16
CA ASP A 99 -12.23 17.19 -25.73
C ASP A 99 -12.83 16.24 -24.72
N LEU A 100 -11.99 15.46 -24.04
CA LEU A 100 -12.48 14.51 -23.05
C LEU A 100 -13.20 15.23 -21.92
N LEU A 101 -12.66 16.37 -21.48
CA LEU A 101 -13.28 17.09 -20.38
C LEU A 101 -14.59 17.72 -20.82
N ALA A 102 -14.57 18.37 -21.98
CA ALA A 102 -15.79 18.99 -22.50
C ALA A 102 -16.86 17.93 -22.75
N GLY A 103 -16.47 16.75 -23.21
CA GLY A 103 -17.41 15.67 -23.45
C GLY A 103 -18.08 15.12 -22.21
N SER A 104 -17.62 15.53 -21.03
CA SER A 104 -18.21 15.06 -19.79
C SER A 104 -18.96 16.12 -19.00
N GLY A 105 -19.10 17.33 -19.52
CA GLY A 105 -19.91 18.34 -18.86
C GLY A 105 -19.14 19.56 -18.46
N PHE A 106 -17.85 19.63 -18.75
CA PHE A 106 -17.05 20.78 -18.35
C PHE A 106 -17.04 21.74 -19.53
N LYS A 107 -17.95 22.71 -19.49
CA LYS A 107 -18.18 23.54 -20.67
C LYS A 107 -17.04 24.55 -20.86
N SER A 108 -16.56 25.15 -19.78
CA SER A 108 -15.46 26.11 -19.83
C SER A 108 -14.20 25.40 -19.37
N VAL A 109 -13.29 25.17 -20.30
CA VAL A 109 -11.99 24.58 -20.00
C VAL A 109 -10.92 25.36 -20.77
N ASN A 110 -10.08 26.10 -20.05
CA ASN A 110 -9.13 27.03 -20.62
C ASN A 110 -7.84 26.32 -21.04
N THR A 111 -7.02 27.07 -21.79
CA THR A 111 -5.70 26.58 -22.20
C THR A 111 -4.71 27.71 -22.01
N ASP A 112 -3.50 27.34 -21.59
CA ASP A 112 -2.41 28.29 -21.42
C ASP A 112 -1.32 27.88 -22.39
N LYS A 113 -1.07 28.73 -23.38
CA LYS A 113 -0.11 28.44 -24.42
C LYS A 113 1.28 28.95 -24.09
N LYS A 114 1.53 29.39 -22.86
CA LYS A 114 2.83 29.96 -22.55
C LYS A 114 3.53 29.37 -21.32
N ARG A 115 2.82 28.75 -20.37
CA ARG A 115 3.43 28.32 -19.10
C ARG A 115 3.94 26.87 -19.23
N GLY A 116 5.02 26.56 -18.53
CA GLY A 116 5.62 25.22 -18.46
C GLY A 116 5.15 24.44 -17.25
N LEU A 117 6.09 23.76 -16.60
CA LEU A 117 5.79 22.95 -15.42
C LEU A 117 6.22 23.65 -14.14
N ASP A 118 5.32 23.69 -13.14
CA ASP A 118 5.69 24.16 -11.81
C ASP A 118 6.38 23.04 -11.04
N HIS A 119 7.06 23.42 -9.96
CA HIS A 119 7.91 22.46 -9.27
C HIS A 119 7.13 21.22 -8.85
N GLY A 120 5.82 21.36 -8.65
CA GLY A 120 4.95 20.23 -8.40
C GLY A 120 4.99 19.15 -9.45
N ALA A 121 5.38 19.50 -10.67
CA ALA A 121 5.59 18.47 -11.68
C ALA A 121 7.07 18.19 -11.90
N TRP A 122 7.86 19.24 -12.11
CA TRP A 122 9.20 18.97 -12.60
C TRP A 122 10.09 18.37 -11.53
N VAL A 123 9.88 18.66 -10.25
CA VAL A 123 10.72 18.05 -9.22
C VAL A 123 10.54 16.54 -9.17
N PRO A 124 9.33 15.99 -9.06
CA PRO A 124 9.21 14.52 -9.08
C PRO A 124 9.65 13.92 -10.41
N LEU A 125 9.25 14.54 -11.51
CA LEU A 125 9.51 13.98 -12.83
C LEU A 125 10.98 13.99 -13.14
N MET A 126 11.75 14.90 -12.53
CA MET A 126 13.19 14.97 -12.73
C MET A 126 13.89 13.77 -12.10
N LEU A 127 13.29 13.20 -11.05
CA LEU A 127 13.74 11.97 -10.42
C LEU A 127 13.19 10.70 -11.09
N MET A 128 11.92 10.69 -11.51
CA MET A 128 11.36 9.47 -12.08
C MET A 128 11.79 9.28 -13.52
N TYR A 129 11.73 10.35 -14.30
CA TYR A 129 12.02 10.33 -15.73
C TYR A 129 13.06 11.40 -16.02
N PRO A 130 14.32 11.15 -15.66
CA PRO A 130 15.32 12.23 -15.67
C PRO A 130 15.80 12.63 -17.05
N GLU A 131 15.62 11.79 -18.07
CA GLU A 131 16.07 12.16 -19.41
C GLU A 131 15.30 13.33 -20.00
N ALA A 132 14.11 13.59 -19.48
CA ALA A 132 13.28 14.73 -19.88
C ALA A 132 12.82 14.59 -21.33
N ASP A 133 12.65 13.36 -21.80
CA ASP A 133 12.30 13.14 -23.19
C ASP A 133 10.88 12.60 -23.37
N ILE A 134 10.08 12.51 -22.33
CA ILE A 134 8.69 12.07 -22.45
C ILE A 134 7.81 13.29 -22.35
N PRO A 135 6.83 13.46 -23.25
CA PRO A 135 5.98 14.66 -23.22
C PRO A 135 5.28 14.80 -21.87
N VAL A 136 5.29 16.01 -21.33
CA VAL A 136 4.61 16.27 -20.08
C VAL A 136 3.61 17.38 -20.29
N CYS A 137 2.37 17.09 -19.93
CA CYS A 137 1.29 18.03 -20.02
C CYS A 137 0.69 18.17 -18.63
N GLN A 138 0.30 19.38 -18.26
CA GLN A 138 -0.15 19.62 -16.90
C GLN A 138 -1.60 20.02 -16.85
N LEU A 139 -2.31 19.50 -15.87
CA LEU A 139 -3.67 19.89 -15.58
C LEU A 139 -3.75 20.53 -14.19
N SER A 140 -4.61 21.53 -14.12
CA SER A 140 -4.77 22.39 -12.97
C SER A 140 -5.90 21.91 -12.09
N VAL A 141 -5.88 22.38 -10.86
CA VAL A 141 -6.80 21.97 -9.82
C VAL A 141 -7.64 23.18 -9.45
N GLN A 142 -8.94 22.97 -9.23
CA GLN A 142 -9.87 24.07 -8.99
C GLN A 142 -10.23 24.08 -7.51
N SER A 143 -9.41 24.80 -6.73
CA SER A 143 -9.42 24.63 -5.28
C SER A 143 -10.69 25.13 -4.63
N HIS A 144 -11.40 26.03 -5.26
CA HIS A 144 -12.58 26.62 -4.63
C HIS A 144 -13.84 25.83 -4.93
N LEU A 145 -13.69 24.71 -5.63
CA LEU A 145 -14.72 23.71 -5.82
C LEU A 145 -14.54 22.61 -4.78
N ASP A 146 -15.01 21.39 -5.06
CA ASP A 146 -14.99 20.35 -4.06
C ASP A 146 -14.30 19.10 -4.60
N GLY A 147 -14.26 18.06 -3.75
CA GLY A 147 -13.63 16.81 -4.14
C GLY A 147 -14.36 16.08 -5.25
N THR A 148 -15.70 16.10 -5.24
CA THR A 148 -16.43 15.36 -6.26
C THR A 148 -16.16 15.90 -7.64
N HIS A 149 -15.95 17.22 -7.76
CA HIS A 149 -15.60 17.80 -9.04
C HIS A 149 -14.34 17.15 -9.58
N HIS A 150 -13.34 16.95 -8.73
CA HIS A 150 -12.08 16.39 -9.19
C HIS A 150 -12.18 14.89 -9.45
N TYR A 151 -13.00 14.18 -8.67
CA TYR A 151 -13.27 12.78 -9.02
C TYR A 151 -13.82 12.71 -10.44
N LYS A 152 -14.77 13.59 -10.77
CA LYS A 152 -15.34 13.59 -12.11
C LYS A 152 -14.32 13.98 -13.17
N LEU A 153 -13.45 14.95 -12.88
CA LEU A 153 -12.37 15.27 -13.82
C LEU A 153 -11.54 14.03 -14.11
N GLY A 154 -11.29 13.22 -13.08
CA GLY A 154 -10.57 11.97 -13.29
C GLY A 154 -11.34 10.97 -14.13
N GLN A 155 -12.63 10.76 -13.80
CA GLN A 155 -13.43 9.87 -14.63
C GLN A 155 -13.40 10.33 -16.08
N ALA A 156 -13.55 11.63 -16.31
CA ALA A 156 -13.48 12.14 -17.68
C ALA A 156 -12.16 11.78 -18.33
N LEU A 157 -11.05 11.90 -17.59
CA LEU A 157 -9.76 11.59 -18.19
C LEU A 157 -9.52 10.10 -18.38
N ALA A 158 -10.35 9.23 -17.80
CA ALA A 158 -10.03 7.80 -17.76
C ALA A 158 -9.60 7.21 -19.11
N PRO A 159 -10.23 7.52 -20.24
CA PRO A 159 -9.77 6.93 -21.52
C PRO A 159 -8.34 7.23 -21.92
N LEU A 160 -7.70 8.24 -21.35
CA LEU A 160 -6.33 8.56 -21.76
C LEU A 160 -5.38 7.39 -21.56
N LYS A 161 -5.73 6.45 -20.68
CA LYS A 161 -4.82 5.36 -20.31
C LYS A 161 -4.54 4.44 -21.49
N ASP A 162 -5.54 4.18 -22.32
CA ASP A 162 -5.40 3.30 -23.46
C ASP A 162 -4.52 3.91 -24.53
N GLU A 163 -4.26 5.21 -24.44
CA GLU A 163 -3.44 5.94 -25.38
C GLU A 163 -2.02 6.15 -24.86
N GLY A 164 -1.61 5.36 -23.87
CA GLY A 164 -0.26 5.43 -23.33
C GLY A 164 0.04 6.59 -22.41
N VAL A 165 -0.99 7.20 -21.78
CA VAL A 165 -0.79 8.36 -20.94
C VAL A 165 -0.69 7.92 -19.49
N LEU A 166 0.34 8.41 -18.82
CA LEU A 166 0.56 8.17 -17.40
C LEU A 166 -0.09 9.33 -16.65
N ILE A 167 -1.16 9.05 -15.91
CA ILE A 167 -1.86 10.08 -15.17
C ILE A 167 -1.31 10.11 -13.76
N ILE A 168 -0.82 11.26 -13.33
CA ILE A 168 -0.20 11.40 -12.01
C ILE A 168 -0.75 12.66 -11.35
N GLY A 169 -1.23 12.51 -10.11
CA GLY A 169 -1.61 13.65 -9.30
C GLY A 169 -0.48 13.95 -8.34
N SER A 170 -0.07 15.21 -8.28
CA SER A 170 1.04 15.61 -7.44
C SER A 170 0.53 16.53 -6.34
N GLY A 171 0.65 16.08 -5.10
CA GLY A 171 0.16 16.84 -3.97
C GLY A 171 0.92 16.46 -2.73
N SER A 172 0.25 16.39 -1.59
CA SER A 172 0.84 15.83 -0.39
C SER A 172 -0.25 15.09 0.35
N ALA A 173 0.05 13.86 0.76
CA ALA A 173 -0.91 13.08 1.53
C ALA A 173 -1.46 13.90 2.69
N THR A 174 -0.60 14.67 3.34
CA THR A 174 -0.98 15.66 4.32
C THR A 174 -0.23 16.94 4.00
N HIS A 175 -0.89 18.09 4.14
CA HIS A 175 -0.29 19.38 3.79
C HIS A 175 -0.66 20.35 4.88
N PRO A 176 -0.08 20.20 6.07
CA PRO A 176 -0.52 21.02 7.18
C PRO A 176 -0.05 22.43 6.95
N SER A 177 -0.67 23.37 7.65
CA SER A 177 -0.30 24.73 7.31
C SER A 177 1.16 24.95 7.66
N ASN A 178 1.74 25.99 7.05
CA ASN A 178 3.10 26.35 7.37
C ASN A 178 3.19 26.78 8.82
N GLY A 179 2.04 27.02 9.45
CA GLY A 179 1.85 27.32 10.85
C GLY A 179 1.47 26.16 11.74
N THR A 180 1.56 24.91 11.27
CA THR A 180 1.20 23.86 12.24
C THR A 180 2.47 23.37 12.97
N PRO A 181 2.44 23.21 14.30
CA PRO A 181 3.68 22.84 15.03
C PRO A 181 4.08 21.40 14.77
N PRO A 182 5.39 21.13 14.59
CA PRO A 182 5.84 19.75 14.38
C PRO A 182 5.64 18.80 15.56
N CYS A 183 6.12 17.56 15.39
CA CYS A 183 6.25 16.58 16.47
C CYS A 183 7.72 16.18 16.52
N SER A 184 8.31 16.19 17.73
CA SER A 184 9.76 16.07 17.84
C SER A 184 10.28 14.70 17.39
N ASP A 185 9.69 13.61 17.91
CA ASP A 185 10.17 12.30 17.47
C ASP A 185 9.06 11.27 17.31
N GLY A 186 7.81 11.69 17.16
CA GLY A 186 6.76 10.75 16.80
C GLY A 186 6.18 11.14 15.44
N VAL A 187 5.01 10.62 15.12
CA VAL A 187 4.18 11.12 14.04
C VAL A 187 2.98 11.73 14.73
N ALA A 188 2.67 12.97 14.39
CA ALA A 188 1.60 13.68 15.09
C ALA A 188 0.35 12.81 15.15
N PRO A 189 -0.33 12.75 16.29
CA PRO A 189 -1.54 11.89 16.35
C PRO A 189 -2.57 12.25 15.28
N TRP A 190 -2.91 13.54 15.11
CA TRP A 190 -3.95 13.88 14.15
C TRP A 190 -3.59 13.41 12.73
N ALA A 191 -2.32 13.55 12.34
CA ALA A 191 -1.90 13.14 11.01
C ALA A 191 -1.94 11.62 10.83
N ALA A 192 -1.59 10.83 11.85
CA ALA A 192 -1.75 9.39 11.71
C ALA A 192 -3.22 9.00 11.61
N ALA A 193 -4.08 9.70 12.34
CA ALA A 193 -5.51 9.44 12.23
C ALA A 193 -5.99 9.63 10.81
N PHE A 194 -5.57 10.76 10.21
CA PHE A 194 -6.01 11.10 8.86
C PHE A 194 -5.47 10.11 7.84
N ASP A 195 -4.18 9.78 7.95
CA ASP A 195 -3.58 8.87 7.00
C ASP A 195 -4.21 7.48 7.12
N SER A 196 -4.46 7.03 8.35
CA SER A 196 -5.13 5.76 8.55
C SER A 196 -6.50 5.75 7.89
N TRP A 197 -7.24 6.84 8.07
CA TRP A 197 -8.55 6.96 7.45
C TRP A 197 -8.45 6.83 5.94
N LEU A 198 -7.54 7.60 5.34
CA LEU A 198 -7.37 7.60 3.91
C LEU A 198 -7.02 6.22 3.36
N GLU A 199 -6.10 5.50 4.00
CA GLU A 199 -5.75 4.17 3.52
C GLU A 199 -6.93 3.24 3.58
N THR A 200 -7.61 3.23 4.73
CA THR A 200 -8.74 2.34 4.89
C THR A 200 -9.80 2.63 3.83
N ALA A 201 -10.01 3.91 3.52
CA ALA A 201 -10.93 4.30 2.47
C ALA A 201 -10.45 3.81 1.12
N LEU A 202 -9.22 4.14 0.77
CA LEU A 202 -8.73 3.92 -0.59
C LEU A 202 -8.57 2.45 -0.91
N THR A 203 -7.96 1.67 0.01
CA THR A 203 -7.68 0.26 -0.28
C THR A 203 -8.94 -0.56 -0.36
N ASN A 204 -10.05 -0.03 0.15
CA ASN A 204 -11.33 -0.71 0.07
C ASN A 204 -12.24 -0.11 -1.00
N GLY A 205 -11.76 0.89 -1.75
CA GLY A 205 -12.59 1.43 -2.81
C GLY A 205 -13.74 2.28 -2.32
N SER A 206 -13.67 2.81 -1.11
CA SER A 206 -14.66 3.74 -0.62
C SER A 206 -14.40 5.15 -1.15
N TYR A 207 -14.43 5.28 -2.49
CA TYR A 207 -14.05 6.54 -3.12
C TYR A 207 -15.06 7.66 -2.84
N GLU A 208 -16.35 7.34 -2.75
CA GLU A 208 -17.33 8.34 -2.36
C GLU A 208 -16.96 8.99 -1.04
N GLU A 209 -16.44 8.19 -0.10
CA GLU A 209 -15.97 8.72 1.18
C GLU A 209 -14.88 9.77 1.00
N VAL A 210 -13.87 9.45 0.21
CA VAL A 210 -12.77 10.39 0.05
C VAL A 210 -13.24 11.64 -0.66
N ASN A 211 -14.21 11.52 -1.56
CA ASN A 211 -14.84 12.72 -2.12
C ASN A 211 -15.43 13.58 -1.02
N LYS A 212 -16.03 12.93 -0.02
CA LYS A 212 -16.63 13.60 1.12
C LYS A 212 -15.70 13.61 2.33
N TYR A 213 -14.42 13.96 2.12
CA TYR A 213 -13.49 14.06 3.24
C TYR A 213 -13.96 15.08 4.26
N GLU A 214 -14.56 16.18 3.80
CA GLU A 214 -14.96 17.27 4.70
C GLU A 214 -15.94 16.79 5.77
N THR A 215 -16.62 15.66 5.57
CA THR A 215 -17.58 15.15 6.53
C THR A 215 -17.26 13.75 7.02
N LYS A 216 -16.17 13.15 6.57
CA LYS A 216 -15.83 11.80 7.05
C LYS A 216 -14.40 11.66 7.55
N ALA A 217 -13.46 12.48 7.10
CA ALA A 217 -12.08 12.30 7.55
C ALA A 217 -11.86 12.98 8.90
N PRO A 218 -11.05 12.37 9.76
CA PRO A 218 -10.72 13.01 11.04
C PRO A 218 -9.58 14.00 10.84
N ASN A 219 -9.76 15.20 11.38
CA ASN A 219 -8.69 16.19 11.43
C ASN A 219 -8.35 16.73 10.07
N TRP A 220 -9.29 16.69 9.11
CA TRP A 220 -8.96 17.16 7.77
C TRP A 220 -8.58 18.63 7.75
N LYS A 221 -9.18 19.46 8.63
CA LYS A 221 -8.78 20.86 8.65
C LYS A 221 -7.32 21.00 9.03
N LEU A 222 -6.83 20.13 9.93
CA LEU A 222 -5.40 20.17 10.25
C LEU A 222 -4.57 19.64 9.08
N ALA A 223 -5.06 18.61 8.41
CA ALA A 223 -4.33 17.96 7.34
C ALA A 223 -4.36 18.80 6.06
N HIS A 224 -5.56 19.20 5.63
CA HIS A 224 -5.75 19.99 4.42
C HIS A 224 -6.60 21.20 4.73
N PRO A 225 -6.00 22.24 5.31
CA PRO A 225 -6.73 23.51 5.52
C PRO A 225 -7.26 24.05 4.23
N TRP A 226 -6.45 23.97 3.17
CA TRP A 226 -6.80 24.33 1.82
C TRP A 226 -6.67 23.09 0.95
N PRO A 227 -7.66 22.77 0.13
CA PRO A 227 -7.72 21.43 -0.47
C PRO A 227 -6.72 21.17 -1.57
N GLU A 228 -6.03 22.20 -2.10
CA GLU A 228 -5.34 22.03 -3.38
C GLU A 228 -4.35 20.87 -3.40
N HIS A 229 -3.73 20.55 -2.27
CA HIS A 229 -2.74 19.49 -2.29
C HIS A 229 -3.36 18.10 -2.15
N PHE A 230 -4.68 18.03 -1.95
CA PHE A 230 -5.40 16.78 -1.78
C PHE A 230 -6.25 16.41 -2.99
N TYR A 231 -6.63 17.37 -3.79
CA TYR A 231 -7.51 17.11 -4.92
C TYR A 231 -6.87 16.28 -6.03
N PRO A 232 -5.53 16.33 -6.24
CA PRO A 232 -4.96 15.41 -7.23
C PRO A 232 -5.18 13.97 -6.87
N LEU A 233 -5.32 13.68 -5.57
CA LEU A 233 -5.65 12.31 -5.21
C LEU A 233 -6.97 11.93 -5.84
N HIS A 234 -7.98 12.80 -5.68
CA HIS A 234 -9.29 12.54 -6.27
C HIS A 234 -9.20 12.35 -7.77
N VAL A 235 -8.41 13.19 -8.46
CA VAL A 235 -8.34 13.05 -9.92
C VAL A 235 -7.75 11.70 -10.31
N ALA A 236 -6.67 11.28 -9.66
CA ALA A 236 -6.10 9.99 -10.03
C ALA A 236 -7.08 8.88 -9.71
N MET A 237 -7.80 9.06 -8.60
CA MET A 237 -8.82 8.11 -8.19
C MET A 237 -9.85 7.92 -9.29
N GLY A 238 -10.41 9.03 -9.77
CA GLY A 238 -11.39 8.97 -10.83
C GLY A 238 -10.85 8.38 -12.12
N ALA A 239 -9.63 8.76 -12.49
CA ALA A 239 -9.09 8.27 -13.75
C ALA A 239 -8.86 6.78 -13.72
N ALA A 240 -8.57 6.21 -12.55
CA ALA A 240 -8.40 4.77 -12.47
C ALA A 240 -9.70 4.04 -12.74
N GLY A 241 -10.81 4.58 -12.26
CA GLY A 241 -12.10 4.02 -12.51
C GLY A 241 -12.86 3.78 -11.22
N GLU A 242 -14.02 3.16 -11.38
CA GLU A 242 -14.94 2.86 -10.29
C GLU A 242 -14.43 1.78 -9.35
N ASN A 243 -13.99 0.64 -9.91
CA ASN A 243 -13.58 -0.54 -9.17
C ASN A 243 -12.09 -0.74 -9.20
N SER A 244 -11.35 0.33 -9.43
CA SER A 244 -9.91 0.21 -9.37
C SER A 244 -9.51 -0.23 -7.97
N LYS A 245 -8.29 -0.71 -7.87
CA LYS A 245 -7.73 -1.23 -6.64
C LYS A 245 -6.59 -0.32 -6.24
N ALA A 246 -6.71 0.27 -5.04
CA ALA A 246 -5.74 1.23 -4.54
C ALA A 246 -4.75 0.52 -3.62
N GLU A 247 -3.48 0.85 -3.76
CA GLU A 247 -2.41 0.33 -2.91
C GLU A 247 -1.52 1.48 -2.45
N LEU A 248 -1.13 1.45 -1.19
CA LEU A 248 -0.23 2.45 -0.67
C LEU A 248 1.18 2.01 -0.99
N ILE A 249 1.88 2.78 -1.82
CA ILE A 249 3.22 2.40 -2.24
C ILE A 249 4.31 3.23 -1.56
N HIS A 250 3.96 4.27 -0.81
CA HIS A 250 5.00 4.96 -0.08
C HIS A 250 4.42 5.75 1.06
N ASN A 251 5.15 5.83 2.15
CA ASN A 251 4.82 6.80 3.18
C ASN A 251 6.07 7.20 3.93
N SER A 252 6.20 8.49 4.19
CA SER A 252 7.28 9.02 5.01
C SER A 252 6.78 10.37 5.50
N TRP A 253 7.44 10.90 6.52
CA TRP A 253 6.95 12.11 7.17
C TRP A 253 8.03 13.16 7.24
N ASP A 254 7.64 14.43 7.17
CA ASP A 254 8.66 15.43 7.38
C ASP A 254 8.64 16.01 8.78
N GLY A 255 7.66 16.82 9.13
CA GLY A 255 7.80 17.43 10.43
C GLY A 255 7.12 16.61 11.48
N GLY A 256 6.94 15.32 11.21
CA GLY A 256 5.96 14.57 11.95
C GLY A 256 4.53 14.89 11.54
N ILE A 257 4.33 15.69 10.50
CA ILE A 257 3.01 16.20 10.17
C ILE A 257 2.73 16.28 8.67
N MET A 258 3.75 16.24 7.83
CA MET A 258 3.55 16.36 6.37
C MET A 258 3.75 14.99 5.75
N SER A 259 2.67 14.25 5.52
CA SER A 259 2.81 12.91 4.98
C SER A 259 3.24 12.93 3.53
N TYR A 260 4.04 11.94 3.15
CA TYR A 260 4.44 11.80 1.75
C TYR A 260 3.73 10.65 1.08
N GLY A 261 2.65 10.15 1.67
CA GLY A 261 2.00 8.96 1.20
C GLY A 261 1.69 9.03 -0.28
N SER A 262 1.86 7.92 -0.97
CA SER A 262 1.63 7.83 -2.41
C SER A 262 0.95 6.51 -2.70
N TYR A 263 -0.05 6.60 -3.57
CA TYR A 263 -0.93 5.50 -3.88
C TYR A 263 -0.83 5.16 -5.36
N LYS A 264 -1.05 3.91 -5.67
CA LYS A 264 -1.13 3.43 -7.03
C LYS A 264 -2.52 2.84 -7.20
N PHE A 265 -3.24 3.30 -8.20
CA PHE A 265 -4.57 2.84 -8.52
C PHE A 265 -4.49 1.95 -9.75
N THR A 266 -5.07 0.75 -9.65
CA THR A 266 -4.99 -0.24 -10.72
C THR A 266 -6.39 -0.60 -11.18
N SER A 267 -6.67 -0.31 -12.44
CA SER A 267 -8.01 -0.52 -12.95
C SER A 267 -8.21 -1.99 -13.23
N THR A 268 -9.45 -2.43 -13.08
CA THR A 268 -9.78 -3.82 -13.30
C THR A 268 -11.03 -3.88 -14.16
N ASN B 6 9.21 -18.09 -11.10
CA ASN B 6 7.78 -18.28 -11.35
C ASN B 6 6.92 -17.25 -10.58
N ILE B 7 6.92 -17.31 -9.23
CA ILE B 7 6.15 -16.40 -8.38
C ILE B 7 7.13 -15.44 -7.73
N LYS B 8 6.86 -14.13 -7.85
CA LYS B 8 7.79 -13.13 -7.36
C LYS B 8 7.21 -12.30 -6.22
N GLU B 9 6.13 -12.77 -5.60
CA GLU B 9 5.42 -12.03 -4.55
C GLU B 9 5.17 -12.92 -3.34
N THR B 10 5.25 -12.32 -2.16
CA THR B 10 4.85 -12.94 -0.90
C THR B 10 3.90 -11.99 -0.21
N PHE B 11 3.09 -12.51 0.71
CA PHE B 11 2.08 -11.68 1.35
C PHE B 11 2.10 -11.85 2.86
N PHE B 12 1.68 -10.80 3.56
CA PHE B 12 1.28 -10.84 4.95
C PHE B 12 -0.17 -10.40 4.96
N ILE B 13 -1.06 -11.26 5.49
CA ILE B 13 -2.46 -10.92 5.60
C ILE B 13 -2.85 -11.02 7.07
N SER B 14 -4.08 -10.59 7.36
CA SER B 14 -4.61 -10.63 8.72
C SER B 14 -5.73 -11.64 8.78
N HIS B 15 -5.49 -12.75 9.51
CA HIS B 15 -6.47 -13.81 9.70
C HIS B 15 -7.72 -13.32 10.41
N GLY B 16 -7.71 -12.11 10.96
CA GLY B 16 -8.88 -11.59 11.64
C GLY B 16 -9.27 -12.45 12.81
N THR B 17 -10.55 -12.85 12.85
CA THR B 17 -11.13 -13.81 13.79
C THR B 17 -12.01 -14.72 12.97
N PRO B 18 -12.45 -15.86 13.50
CA PRO B 18 -13.23 -16.78 12.65
C PRO B 18 -14.46 -16.14 12.08
N MET B 19 -14.93 -15.04 12.69
CA MET B 19 -16.09 -14.34 12.18
C MET B 19 -15.90 -13.86 10.76
N MET B 20 -14.66 -13.68 10.33
CA MET B 20 -14.39 -13.26 8.96
C MET B 20 -14.77 -14.32 7.96
N ALA B 21 -15.23 -15.49 8.42
CA ALA B 21 -15.70 -16.51 7.49
C ALA B 21 -17.18 -16.32 7.13
N ILE B 22 -17.96 -15.72 8.03
CA ILE B 22 -19.40 -15.65 7.88
C ILE B 22 -19.92 -14.21 7.90
N ASP B 23 -19.19 -13.29 8.54
CA ASP B 23 -19.58 -11.88 8.65
C ASP B 23 -19.29 -11.14 7.35
N ASP B 24 -20.34 -10.81 6.59
CA ASP B 24 -20.20 -10.19 5.29
C ASP B 24 -20.08 -8.67 5.35
N SER B 25 -20.11 -8.08 6.55
CA SER B 25 -19.88 -6.66 6.75
C SER B 25 -18.42 -6.31 7.03
N LYS B 26 -17.48 -7.21 6.72
CA LYS B 26 -16.09 -6.91 6.98
C LYS B 26 -15.36 -6.64 5.67
N PRO B 27 -14.74 -5.47 5.54
CA PRO B 27 -14.03 -5.18 4.29
C PRO B 27 -12.93 -6.18 4.04
N SER B 28 -12.38 -6.74 5.12
CA SER B 28 -11.39 -7.81 5.02
C SER B 28 -11.94 -9.05 4.32
N LYS B 29 -13.20 -9.40 4.57
CA LYS B 29 -13.76 -10.58 3.93
C LYS B 29 -13.89 -10.37 2.44
N LYS B 30 -14.44 -9.21 2.03
CA LYS B 30 -14.56 -8.90 0.62
C LYS B 30 -13.20 -8.82 -0.03
N PHE B 31 -12.23 -8.31 0.72
CA PHE B 31 -10.86 -8.21 0.25
C PHE B 31 -10.31 -9.59 -0.04
N LEU B 32 -10.49 -10.51 0.90
CA LEU B 32 -10.00 -11.86 0.70
C LEU B 32 -10.75 -12.56 -0.43
N GLU B 33 -12.08 -12.40 -0.49
CA GLU B 33 -12.85 -13.10 -1.52
C GLU B 33 -12.38 -12.71 -2.91
N SER B 34 -11.96 -11.47 -3.07
CA SER B 34 -11.44 -10.97 -4.33
C SER B 34 -10.01 -11.37 -4.58
N TRP B 35 -9.48 -12.36 -3.83
CA TRP B 35 -8.05 -12.64 -3.88
C TRP B 35 -7.61 -12.98 -5.31
N ARG B 36 -8.29 -13.94 -5.94
CA ARG B 36 -7.82 -14.43 -7.23
C ARG B 36 -8.12 -13.48 -8.38
N GLU B 37 -9.11 -12.59 -8.24
CA GLU B 37 -9.49 -11.69 -9.31
C GLU B 37 -8.75 -10.36 -9.28
N LYS B 38 -8.52 -9.82 -8.09
CA LYS B 38 -7.97 -8.47 -7.97
C LYS B 38 -6.60 -8.42 -7.29
N ILE B 39 -6.16 -9.49 -6.63
CA ILE B 39 -4.94 -9.48 -5.81
C ILE B 39 -3.86 -10.38 -6.41
N PHE B 40 -4.14 -11.68 -6.55
CA PHE B 40 -3.16 -12.65 -7.06
C PHE B 40 -3.86 -13.63 -7.99
N SER B 41 -3.66 -13.42 -9.30
CA SER B 41 -4.34 -14.19 -10.33
C SER B 41 -3.62 -15.49 -10.68
N LYS B 42 -2.29 -15.50 -10.60
CA LYS B 42 -1.53 -16.71 -10.91
C LYS B 42 -1.96 -17.84 -10.00
N LYS B 43 -1.96 -19.06 -10.54
CA LYS B 43 -2.31 -20.22 -9.72
C LYS B 43 -1.02 -20.79 -9.14
N PRO B 44 -0.89 -20.85 -7.83
CA PRO B 44 0.36 -21.34 -7.24
C PRO B 44 0.35 -22.86 -7.17
N LYS B 45 1.54 -23.44 -7.28
CA LYS B 45 1.68 -24.89 -7.14
C LYS B 45 1.28 -25.33 -5.75
N ALA B 46 1.75 -24.62 -4.73
CA ALA B 46 1.35 -24.89 -3.36
C ALA B 46 1.37 -23.59 -2.57
N ILE B 47 0.77 -23.63 -1.40
CA ILE B 47 0.65 -22.49 -0.52
C ILE B 47 1.31 -22.84 0.78
N LEU B 48 2.17 -21.98 1.24
CA LEU B 48 2.76 -22.15 2.56
C LEU B 48 2.20 -21.04 3.45
N VAL B 49 1.71 -21.41 4.62
CA VAL B 49 1.12 -20.45 5.54
C VAL B 49 1.89 -20.47 6.84
N ILE B 50 2.42 -19.30 7.23
CA ILE B 50 2.98 -19.13 8.55
C ILE B 50 1.82 -18.57 9.37
N SER B 51 1.15 -19.43 10.13
CA SER B 51 -0.01 -18.98 10.90
C SER B 51 0.42 -18.73 12.34
N ALA B 52 -0.08 -17.63 12.91
CA ALA B 52 0.23 -17.28 14.29
C ALA B 52 -0.45 -18.22 15.26
N HIS B 53 -1.50 -18.89 14.82
CA HIS B 53 -2.19 -19.83 15.70
C HIS B 53 -1.55 -21.21 15.57
N TRP B 54 -0.23 -21.20 15.51
CA TRP B 54 0.54 -22.43 15.65
C TRP B 54 1.97 -22.00 16.04
N GLU B 55 2.23 -21.95 17.34
CA GLU B 55 3.56 -21.66 17.84
C GLU B 55 4.15 -22.92 18.45
N THR B 56 5.47 -23.05 18.31
CA THR B 56 6.24 -24.22 18.71
C THR B 56 7.61 -23.76 19.16
N ASP B 57 8.38 -24.69 19.74
CA ASP B 57 9.67 -24.35 20.31
C ASP B 57 10.75 -24.20 19.24
N GLN B 58 10.68 -25.03 18.20
CA GLN B 58 11.57 -25.03 17.06
C GLN B 58 10.71 -25.01 15.80
N PRO B 59 11.26 -24.60 14.66
CA PRO B 59 10.48 -24.61 13.41
C PRO B 59 9.86 -25.98 13.17
N SER B 60 8.59 -25.99 12.75
CA SER B 60 7.83 -27.23 12.60
C SER B 60 6.98 -27.18 11.33
N VAL B 61 6.91 -28.31 10.61
CA VAL B 61 6.23 -28.35 9.32
C VAL B 61 5.10 -29.39 9.34
N ASN B 62 4.14 -29.18 8.45
CA ASN B 62 2.94 -29.98 8.34
C ASN B 62 3.18 -31.07 7.30
N VAL B 63 3.17 -32.33 7.73
CA VAL B 63 3.41 -33.44 6.80
C VAL B 63 2.17 -34.32 6.82
N VAL B 64 1.26 -34.05 5.89
CA VAL B 64 0.03 -34.81 5.72
C VAL B 64 -0.30 -34.80 4.24
N ASP B 65 -1.06 -35.80 3.80
CA ASP B 65 -1.60 -35.82 2.45
C ASP B 65 -3.02 -35.27 2.39
N ILE B 66 -3.67 -35.10 3.54
CA ILE B 66 -4.94 -34.38 3.62
C ILE B 66 -4.91 -33.55 4.90
N ASN B 67 -5.32 -32.28 4.79
CA ASN B 67 -5.32 -31.41 5.96
C ASN B 67 -6.67 -31.54 6.63
N ASP B 68 -6.66 -31.82 7.92
CA ASP B 68 -7.87 -31.74 8.70
C ASP B 68 -8.13 -30.28 9.06
N THR B 69 -9.40 -29.94 9.27
CA THR B 69 -9.80 -28.57 9.59
C THR B 69 -9.92 -28.44 11.10
N ILE B 70 -9.04 -27.65 11.70
CA ILE B 70 -8.98 -27.51 13.15
C ILE B 70 -9.91 -26.36 13.55
N TYR B 71 -10.91 -26.65 14.38
CA TYR B 71 -11.81 -25.60 14.86
C TYR B 71 -11.24 -25.06 16.18
N ASP B 72 -10.08 -24.42 16.03
CA ASP B 72 -9.33 -23.85 17.13
C ASP B 72 -9.89 -22.49 17.55
N PHE B 73 -11.18 -22.46 17.84
CA PHE B 73 -11.83 -21.28 18.38
C PHE B 73 -12.99 -21.77 19.21
N ARG B 74 -13.25 -21.09 20.31
CA ARG B 74 -14.32 -21.49 21.21
C ARG B 74 -15.29 -20.33 21.36
N GLY B 75 -16.58 -20.64 21.25
CA GLY B 75 -17.64 -19.67 21.45
C GLY B 75 -18.25 -19.04 20.22
N PHE B 76 -18.26 -19.72 19.08
CA PHE B 76 -18.73 -19.10 17.85
C PHE B 76 -20.02 -19.74 17.34
N PRO B 77 -20.69 -19.08 16.37
CA PRO B 77 -21.84 -19.70 15.71
C PRO B 77 -21.55 -21.12 15.25
N ALA B 78 -22.59 -21.97 15.31
CA ALA B 78 -22.38 -23.38 14.99
C ALA B 78 -22.00 -23.61 13.52
N ARG B 79 -22.50 -22.79 12.58
CA ARG B 79 -22.12 -23.03 11.19
C ARG B 79 -20.59 -22.96 11.02
N LEU B 80 -19.92 -22.20 11.90
CA LEU B 80 -18.47 -22.06 11.85
C LEU B 80 -17.75 -23.39 12.11
N TYR B 81 -18.33 -24.28 12.90
CA TYR B 81 -17.72 -25.58 13.11
C TYR B 81 -18.16 -26.61 12.06
N GLN B 82 -18.98 -26.20 11.10
CA GLN B 82 -19.43 -27.05 10.01
C GLN B 82 -18.51 -27.00 8.81
N PHE B 83 -17.45 -26.22 8.88
CA PHE B 83 -16.62 -25.93 7.73
C PHE B 83 -15.56 -26.99 7.50
N LYS B 84 -15.36 -27.34 6.25
CA LYS B 84 -14.32 -28.29 5.88
C LYS B 84 -13.51 -27.66 4.76
N TYR B 85 -12.23 -27.43 5.02
CA TYR B 85 -11.30 -26.97 4.00
C TYR B 85 -10.28 -28.07 3.83
N SER B 86 -10.74 -29.19 3.26
CA SER B 86 -9.93 -30.40 3.11
C SER B 86 -9.05 -30.29 1.87
N ALA B 87 -8.05 -29.48 1.99
CA ALA B 87 -7.08 -29.37 0.92
C ALA B 87 -5.88 -30.25 1.22
N PRO B 88 -5.18 -30.72 0.18
CA PRO B 88 -4.01 -31.57 0.40
C PRO B 88 -2.93 -30.88 1.22
N GLY B 89 -2.05 -31.70 1.77
CA GLY B 89 -0.78 -31.23 2.26
C GLY B 89 0.19 -31.56 1.17
N SER B 90 1.39 -31.02 1.26
CA SER B 90 2.41 -31.34 0.27
C SER B 90 3.60 -31.83 1.06
N PRO B 91 3.68 -33.14 1.29
CA PRO B 91 4.88 -33.69 1.96
C PRO B 91 6.15 -33.38 1.19
N GLU B 92 6.07 -33.29 -0.14
CA GLU B 92 7.18 -32.79 -0.94
C GLU B 92 7.61 -31.41 -0.45
N LEU B 93 6.63 -30.52 -0.33
CA LEU B 93 6.92 -29.19 0.15
C LEU B 93 7.48 -29.25 1.56
N ALA B 94 6.94 -30.11 2.41
CA ALA B 94 7.44 -30.19 3.78
C ALA B 94 8.92 -30.57 3.79
N ASN B 95 9.33 -31.46 2.90
CA ASN B 95 10.73 -31.86 2.83
C ASN B 95 11.62 -30.71 2.32
N ARG B 96 11.17 -30.02 1.27
CA ARG B 96 11.93 -28.87 0.80
C ARG B 96 12.12 -27.84 1.90
N ILE B 97 11.09 -27.65 2.72
CA ILE B 97 11.14 -26.69 3.82
C ILE B 97 12.14 -27.13 4.87
N GLN B 98 12.08 -28.40 5.29
CA GLN B 98 13.10 -28.92 6.20
C GLN B 98 14.50 -28.67 5.65
N ASP B 99 14.69 -28.95 4.35
CA ASP B 99 16.01 -28.81 3.74
C ASP B 99 16.46 -27.37 3.69
N LEU B 100 15.60 -26.46 3.23
CA LEU B 100 15.96 -25.07 3.13
C LEU B 100 16.29 -24.50 4.51
N LEU B 101 15.51 -24.90 5.51
CA LEU B 101 15.73 -24.40 6.85
C LEU B 101 17.06 -24.88 7.39
N ALA B 102 17.33 -26.19 7.26
CA ALA B 102 18.61 -26.71 7.73
C ALA B 102 19.79 -26.12 6.94
N GLY B 103 19.65 -26.00 5.62
CA GLY B 103 20.72 -25.46 4.81
C GLY B 103 21.00 -24.00 5.05
N SER B 104 20.10 -23.33 5.76
CA SER B 104 20.36 -21.95 6.14
C SER B 104 20.69 -21.82 7.62
N GLY B 105 20.80 -22.93 8.35
CA GLY B 105 21.27 -22.90 9.73
C GLY B 105 20.33 -23.41 10.82
N PHE B 106 19.14 -23.95 10.54
CA PHE B 106 18.20 -24.34 11.60
C PHE B 106 18.35 -25.84 11.87
N LYS B 107 19.11 -26.16 12.92
CA LYS B 107 19.51 -27.54 13.17
C LYS B 107 18.33 -28.43 13.58
N SER B 108 17.42 -27.92 14.39
CA SER B 108 16.24 -28.68 14.79
C SER B 108 15.05 -28.11 14.03
N VAL B 109 14.46 -28.90 13.14
CA VAL B 109 13.20 -28.52 12.49
C VAL B 109 12.31 -29.76 12.50
N ASN B 110 11.20 -29.68 13.23
CA ASN B 110 10.33 -30.83 13.48
C ASN B 110 9.32 -30.99 12.36
N THR B 111 8.56 -32.08 12.47
CA THR B 111 7.47 -32.43 11.57
C THR B 111 6.28 -32.83 12.44
N ASP B 112 5.09 -32.56 11.95
CA ASP B 112 3.86 -33.01 12.58
C ASP B 112 3.08 -33.78 11.50
N LYS B 113 2.93 -35.09 11.69
CA LYS B 113 2.27 -35.94 10.71
C LYS B 113 0.78 -36.10 10.99
N LYS B 114 0.23 -35.34 11.94
CA LYS B 114 -1.19 -35.44 12.30
C LYS B 114 -1.94 -34.10 12.29
N ARG B 115 -1.25 -32.95 12.30
CA ARG B 115 -1.91 -31.66 12.45
C ARG B 115 -2.42 -31.16 11.10
N GLY B 116 -3.58 -30.52 11.09
CA GLY B 116 -4.13 -29.92 9.86
C GLY B 116 -3.89 -28.43 9.80
N LEU B 117 -4.86 -27.69 9.28
CA LEU B 117 -4.77 -26.24 9.18
C LEU B 117 -5.64 -25.62 10.28
N ASP B 118 -5.05 -24.70 11.04
CA ASP B 118 -5.82 -23.94 12.02
C ASP B 118 -6.55 -22.78 11.35
N HIS B 119 -7.51 -22.20 12.08
CA HIS B 119 -8.40 -21.21 11.48
C HIS B 119 -7.63 -20.02 10.93
N GLY B 120 -6.49 -19.70 11.56
CA GLY B 120 -5.57 -18.71 11.04
C GLY B 120 -5.10 -19.00 9.62
N ALA B 121 -5.20 -20.25 9.16
CA ALA B 121 -4.91 -20.54 7.76
C ALA B 121 -6.14 -20.81 6.92
N TRP B 122 -7.04 -21.72 7.34
CA TRP B 122 -8.13 -22.12 6.45
C TRP B 122 -9.20 -21.04 6.34
N VAL B 123 -9.37 -20.19 7.38
CA VAL B 123 -10.38 -19.14 7.27
C VAL B 123 -10.02 -18.22 6.12
N PRO B 124 -8.82 -17.63 6.08
CA PRO B 124 -8.49 -16.85 4.87
C PRO B 124 -8.51 -17.71 3.63
N LEU B 125 -7.93 -18.91 3.69
CA LEU B 125 -7.77 -19.74 2.50
C LEU B 125 -9.11 -20.20 1.94
N MET B 126 -10.11 -20.35 2.80
CA MET B 126 -11.42 -20.75 2.29
C MET B 126 -12.05 -19.66 1.45
N LEU B 127 -11.71 -18.38 1.74
CA LEU B 127 -12.16 -17.24 0.94
C LEU B 127 -11.27 -17.03 -0.29
N MET B 128 -9.97 -17.25 -0.15
CA MET B 128 -9.06 -16.95 -1.25
C MET B 128 -9.08 -18.05 -2.30
N TYR B 129 -8.96 -19.29 -1.86
CA TYR B 129 -8.84 -20.45 -2.75
C TYR B 129 -9.89 -21.47 -2.35
N PRO B 130 -11.16 -21.22 -2.70
CA PRO B 130 -12.26 -21.99 -2.09
C PRO B 130 -12.42 -23.39 -2.66
N GLU B 131 -11.89 -23.66 -3.84
CA GLU B 131 -12.01 -25.01 -4.37
C GLU B 131 -11.26 -26.01 -3.50
N ALA B 132 -10.34 -25.54 -2.65
CA ALA B 132 -9.65 -26.37 -1.67
C ALA B 132 -8.80 -27.43 -2.36
N ASP B 133 -8.32 -27.14 -3.56
CA ASP B 133 -7.54 -28.09 -4.34
C ASP B 133 -6.07 -27.70 -4.47
N ILE B 134 -5.62 -26.68 -3.77
CA ILE B 134 -4.23 -26.27 -3.80
C ILE B 134 -3.57 -26.82 -2.55
N PRO B 135 -2.45 -27.54 -2.67
CA PRO B 135 -1.80 -28.08 -1.47
C PRO B 135 -1.40 -26.95 -0.53
N VAL B 136 -1.73 -27.12 0.75
CA VAL B 136 -1.42 -26.13 1.77
C VAL B 136 -0.55 -26.77 2.82
N CYS B 137 0.56 -26.14 3.09
CA CYS B 137 1.49 -26.61 4.09
C CYS B 137 1.69 -25.49 5.10
N GLN B 138 1.88 -25.84 6.37
CA GLN B 138 1.95 -24.81 7.38
C GLN B 138 3.32 -24.82 8.06
N LEU B 139 3.84 -23.63 8.35
CA LEU B 139 5.08 -23.48 9.10
C LEU B 139 4.75 -22.79 10.41
N SER B 140 5.39 -23.23 11.46
CA SER B 140 5.03 -22.69 12.76
C SER B 140 5.92 -21.51 13.08
N VAL B 141 5.48 -20.72 14.04
CA VAL B 141 6.14 -19.50 14.43
C VAL B 141 6.66 -19.69 15.86
N GLN B 142 7.83 -19.13 16.16
CA GLN B 142 8.50 -19.34 17.46
C GLN B 142 8.44 -18.08 18.33
N SER B 143 7.36 -17.97 19.10
CA SER B 143 7.05 -16.72 19.77
C SER B 143 8.10 -16.36 20.80
N HIS B 144 8.86 -17.32 21.30
CA HIS B 144 9.81 -17.00 22.35
C HIS B 144 11.13 -16.57 21.78
N LEU B 145 11.25 -16.53 20.46
CA LEU B 145 12.41 -15.94 19.82
C LEU B 145 12.06 -14.52 19.40
N ASP B 146 12.77 -13.98 18.42
CA ASP B 146 12.63 -12.58 18.10
C ASP B 146 12.30 -12.38 16.62
N GLY B 147 12.15 -11.10 16.25
CA GLY B 147 11.80 -10.78 14.87
C GLY B 147 12.89 -11.16 13.89
N THR B 148 14.15 -10.99 14.29
CA THR B 148 15.25 -11.33 13.38
C THR B 148 15.26 -12.81 13.06
N HIS B 149 14.98 -13.66 14.05
CA HIS B 149 14.91 -15.09 13.74
C HIS B 149 13.89 -15.37 12.65
N HIS B 150 12.72 -14.75 12.74
CA HIS B 150 11.69 -15.05 11.75
C HIS B 150 12.01 -14.41 10.42
N TYR B 151 12.66 -13.25 10.44
CA TYR B 151 13.18 -12.71 9.19
C TYR B 151 14.12 -13.72 8.53
N LYS B 152 15.02 -14.32 9.31
CA LYS B 152 15.94 -15.31 8.78
C LYS B 152 15.21 -16.54 8.25
N LEU B 153 14.16 -16.98 8.96
CA LEU B 153 13.33 -18.08 8.48
C LEU B 153 12.77 -17.75 7.10
N GLY B 154 12.38 -16.49 6.91
CA GLY B 154 11.87 -16.08 5.63
C GLY B 154 12.94 -16.14 4.56
N GLN B 155 14.12 -15.59 4.87
CA GLN B 155 15.20 -15.62 3.90
C GLN B 155 15.48 -17.06 3.47
N ALA B 156 15.49 -17.97 4.45
CA ALA B 156 15.68 -19.37 4.14
C ALA B 156 14.62 -19.88 3.18
N LEU B 157 13.37 -19.53 3.43
CA LEU B 157 12.32 -20.04 2.57
C LEU B 157 12.32 -19.41 1.20
N ALA B 158 13.06 -18.32 1.03
CA ALA B 158 12.95 -17.53 -0.20
C ALA B 158 12.99 -18.35 -1.47
N PRO B 159 13.86 -19.37 -1.63
CA PRO B 159 13.85 -20.12 -2.90
C PRO B 159 12.52 -20.81 -3.19
N LEU B 160 11.65 -20.99 -2.19
CA LEU B 160 10.39 -21.67 -2.43
C LEU B 160 9.54 -20.95 -3.46
N LYS B 161 9.79 -19.65 -3.68
CA LYS B 161 9.01 -18.87 -4.62
C LYS B 161 9.18 -19.38 -6.04
N ASP B 162 10.42 -19.73 -6.39
CA ASP B 162 10.73 -20.17 -7.75
C ASP B 162 10.09 -21.51 -8.09
N GLU B 163 9.56 -22.21 -7.10
CA GLU B 163 8.91 -23.49 -7.32
C GLU B 163 7.38 -23.34 -7.39
N GLY B 164 6.87 -22.13 -7.59
CA GLY B 164 5.43 -21.93 -7.62
C GLY B 164 4.77 -21.95 -6.25
N VAL B 165 5.52 -21.66 -5.18
CA VAL B 165 5.00 -21.65 -3.82
C VAL B 165 4.62 -20.23 -3.44
N LEU B 166 3.36 -20.06 -3.02
CA LEU B 166 2.84 -18.77 -2.56
C LEU B 166 3.00 -18.74 -1.04
N ILE B 167 3.90 -17.90 -0.56
CA ILE B 167 4.20 -17.84 0.86
C ILE B 167 3.34 -16.74 1.47
N ILE B 168 2.54 -17.08 2.46
CA ILE B 168 1.62 -16.13 3.06
C ILE B 168 1.79 -16.20 4.56
N GLY B 169 2.00 -15.05 5.18
CA GLY B 169 2.04 -14.95 6.61
C GLY B 169 0.68 -14.47 7.05
N SER B 170 0.09 -15.20 7.99
CA SER B 170 -1.23 -14.88 8.49
C SER B 170 -1.09 -14.43 9.93
N GLY B 171 -1.45 -13.18 10.22
CA GLY B 171 -1.32 -12.62 11.55
C GLY B 171 -2.35 -11.55 11.78
N SER B 172 -1.97 -10.51 12.54
CA SER B 172 -2.80 -9.33 12.63
C SER B 172 -1.89 -8.12 12.69
N ALA B 173 -2.12 -7.15 11.80
CA ALA B 173 -1.29 -5.96 11.80
C ALA B 173 -1.22 -5.36 13.20
N THR B 174 -2.34 -5.37 13.90
CA THR B 174 -2.39 -5.05 15.31
C THR B 174 -3.20 -6.14 15.97
N HIS B 175 -2.77 -6.59 17.16
CA HIS B 175 -3.46 -7.68 17.85
C HIS B 175 -3.49 -7.42 19.33
N PRO B 176 -4.28 -6.45 19.78
CA PRO B 176 -4.19 -6.01 21.17
C PRO B 176 -4.91 -6.98 22.09
N SER B 177 -4.62 -6.82 23.39
CA SER B 177 -5.12 -7.70 24.42
C SER B 177 -6.65 -7.68 24.47
N ASN B 178 -7.22 -8.70 25.12
CA ASN B 178 -8.66 -8.69 25.28
C ASN B 178 -9.14 -7.57 26.19
N GLY B 179 -8.26 -7.03 27.03
CA GLY B 179 -8.56 -5.95 27.96
C GLY B 179 -8.23 -4.55 27.47
N THR B 180 -7.97 -4.39 26.18
CA THR B 180 -7.72 -3.03 25.72
C THR B 180 -9.02 -2.41 25.19
N PRO B 181 -9.26 -1.16 25.59
CA PRO B 181 -10.54 -0.50 25.29
C PRO B 181 -10.70 -0.17 23.82
N PRO B 182 -11.91 -0.35 23.24
CA PRO B 182 -12.11 0.09 21.85
C PRO B 182 -12.09 1.60 21.73
N CYS B 183 -12.26 2.09 20.50
CA CYS B 183 -12.53 3.49 20.26
C CYS B 183 -13.89 3.54 19.57
N SER B 184 -14.84 4.28 20.16
CA SER B 184 -16.21 4.25 19.65
C SER B 184 -16.26 4.81 18.24
N ASP B 185 -15.56 5.91 18.02
CA ASP B 185 -15.42 6.56 16.72
C ASP B 185 -13.94 6.84 16.56
N GLY B 186 -13.36 6.29 15.51
CA GLY B 186 -12.00 6.61 15.14
C GLY B 186 -11.07 5.41 15.15
N VAL B 187 -9.78 5.69 15.14
CA VAL B 187 -8.72 4.72 15.39
C VAL B 187 -8.00 5.15 16.65
N ALA B 188 -7.83 4.22 17.58
CA ALA B 188 -7.12 4.56 18.80
C ALA B 188 -5.79 5.23 18.42
N PRO B 189 -5.39 6.29 19.11
CA PRO B 189 -4.15 6.96 18.72
C PRO B 189 -2.97 6.01 18.63
N TRP B 190 -2.76 5.19 19.66
CA TRP B 190 -1.61 4.29 19.65
C TRP B 190 -1.63 3.38 18.44
N ALA B 191 -2.82 2.91 18.05
CA ALA B 191 -2.89 2.05 16.87
C ALA B 191 -2.50 2.80 15.62
N ALA B 192 -2.93 4.06 15.50
CA ALA B 192 -2.53 4.84 14.33
C ALA B 192 -1.04 5.08 14.32
N ALA B 193 -0.45 5.34 15.48
CA ALA B 193 0.98 5.52 15.54
C ALA B 193 1.71 4.27 15.04
N PHE B 194 1.32 3.10 15.55
CA PHE B 194 2.01 1.88 15.19
C PHE B 194 1.79 1.51 13.72
N ASP B 195 0.56 1.62 13.23
CA ASP B 195 0.28 1.31 11.84
C ASP B 195 1.04 2.24 10.92
N SER B 196 1.09 3.53 11.27
CA SER B 196 1.82 4.50 10.48
C SER B 196 3.30 4.16 10.44
N TRP B 197 3.84 3.77 11.60
CA TRP B 197 5.24 3.36 11.69
C TRP B 197 5.50 2.17 10.79
N LEU B 198 4.66 1.14 10.92
CA LEU B 198 4.87 -0.05 10.13
C LEU B 198 4.83 0.24 8.64
N GLU B 199 3.92 1.09 8.18
CA GLU B 199 3.87 1.42 6.76
C GLU B 199 5.13 2.11 6.31
N THR B 200 5.55 3.13 7.05
CA THR B 200 6.76 3.86 6.66
C THR B 200 7.97 2.94 6.67
N ALA B 201 8.04 2.02 7.63
CA ALA B 201 9.14 1.06 7.66
C ALA B 201 9.09 0.16 6.44
N LEU B 202 7.94 -0.46 6.17
CA LEU B 202 7.86 -1.46 5.12
C LEU B 202 7.97 -0.86 3.72
N THR B 203 7.23 0.20 3.41
CA THR B 203 7.25 0.66 2.03
C THR B 203 8.61 1.23 1.65
N ASN B 204 9.46 1.44 2.64
CA ASN B 204 10.80 1.98 2.46
C ASN B 204 11.91 0.94 2.57
N GLY B 205 11.57 -0.33 2.71
CA GLY B 205 12.60 -1.33 2.78
C GLY B 205 13.42 -1.26 4.05
N SER B 206 12.90 -0.59 5.09
CA SER B 206 13.57 -0.55 6.40
C SER B 206 13.27 -1.82 7.19
N TYR B 207 13.67 -2.94 6.60
CA TYR B 207 13.31 -4.21 7.20
C TYR B 207 14.05 -4.44 8.51
N GLU B 208 15.32 -4.02 8.61
CA GLU B 208 16.01 -4.16 9.88
C GLU B 208 15.25 -3.46 11.00
N GLU B 209 14.64 -2.32 10.70
CA GLU B 209 13.84 -1.64 11.71
C GLU B 209 12.68 -2.50 12.17
N VAL B 210 11.94 -3.09 11.24
CA VAL B 210 10.80 -3.90 11.62
C VAL B 210 11.26 -5.09 12.42
N ASN B 211 12.46 -5.60 12.11
CA ASN B 211 13.04 -6.69 12.90
C ASN B 211 13.23 -6.25 14.34
N LYS B 212 13.68 -5.02 14.55
CA LYS B 212 13.92 -4.48 15.88
C LYS B 212 12.77 -3.59 16.33
N TYR B 213 11.54 -4.09 16.11
CA TYR B 213 10.36 -3.30 16.45
C TYR B 213 10.35 -2.95 17.93
N GLU B 214 10.79 -3.87 18.78
CA GLU B 214 10.75 -3.67 20.22
C GLU B 214 11.51 -2.44 20.66
N THR B 215 12.42 -1.90 19.82
CA THR B 215 13.23 -0.76 20.21
C THR B 215 13.03 0.44 19.30
N LYS B 216 12.17 0.33 18.28
CA LYS B 216 11.89 1.43 17.35
C LYS B 216 10.42 1.68 17.10
N ALA B 217 9.57 0.72 17.30
CA ALA B 217 8.17 0.92 17.00
C ALA B 217 7.47 1.66 18.13
N PRO B 218 6.50 2.49 17.82
CA PRO B 218 5.66 3.09 18.86
C PRO B 218 4.50 2.22 19.31
N ASN B 219 4.36 2.06 20.63
CA ASN B 219 3.17 1.46 21.23
C ASN B 219 3.05 0.00 20.88
N TRP B 220 4.19 -0.63 20.58
CA TRP B 220 4.15 -2.02 20.15
C TRP B 220 3.59 -2.93 21.24
N LYS B 221 3.82 -2.56 22.52
CA LYS B 221 3.30 -3.30 23.65
C LYS B 221 1.77 -3.31 23.65
N LEU B 222 1.16 -2.22 23.20
CA LEU B 222 -0.29 -2.16 23.03
C LEU B 222 -0.71 -2.97 21.81
N ALA B 223 0.07 -2.89 20.74
CA ALA B 223 -0.30 -3.51 19.50
C ALA B 223 -0.05 -5.01 19.54
N HIS B 224 1.15 -5.40 19.93
CA HIS B 224 1.57 -6.80 20.01
C HIS B 224 2.17 -7.01 21.38
N PRO B 225 1.31 -7.14 22.39
CA PRO B 225 1.83 -7.55 23.70
C PRO B 225 2.61 -8.84 23.57
N TRP B 226 2.08 -9.75 22.77
CA TRP B 226 2.70 -11.01 22.48
C TRP B 226 2.97 -11.11 20.99
N PRO B 227 4.18 -11.50 20.59
CA PRO B 227 4.61 -11.29 19.21
C PRO B 227 4.01 -12.23 18.19
N GLU B 228 3.43 -13.36 18.58
CA GLU B 228 3.15 -14.43 17.63
C GLU B 228 2.30 -13.96 16.45
N HIS B 229 1.47 -12.93 16.63
CA HIS B 229 0.63 -12.44 15.52
C HIS B 229 1.35 -11.45 14.62
N PHE B 230 2.58 -11.05 14.98
CA PHE B 230 3.37 -10.13 14.21
C PHE B 230 4.49 -10.82 13.44
N TYR B 231 4.95 -11.97 13.92
CA TYR B 231 6.12 -12.64 13.37
C TYR B 231 5.90 -13.22 11.97
N PRO B 232 4.66 -13.61 11.60
CA PRO B 232 4.47 -14.03 10.21
C PRO B 232 4.83 -12.96 9.24
N LEU B 233 4.72 -11.69 9.67
CA LEU B 233 5.15 -10.60 8.82
C LEU B 233 6.63 -10.71 8.53
N HIS B 234 7.46 -10.86 9.59
CA HIS B 234 8.91 -10.98 9.41
C HIS B 234 9.26 -12.12 8.46
N VAL B 235 8.58 -13.25 8.60
CA VAL B 235 8.85 -14.36 7.68
C VAL B 235 8.53 -13.97 6.24
N ALA B 236 7.36 -13.35 6.01
CA ALA B 236 7.00 -12.97 4.63
C ALA B 236 7.95 -11.91 4.07
N MET B 237 8.41 -10.97 4.90
CA MET B 237 9.45 -10.02 4.50
C MET B 237 10.70 -10.75 4.03
N GLY B 238 11.26 -11.59 4.91
CA GLY B 238 12.48 -12.28 4.57
C GLY B 238 12.32 -13.13 3.33
N ALA B 239 11.18 -13.82 3.22
CA ALA B 239 10.96 -14.69 2.09
C ALA B 239 10.78 -13.89 0.81
N ALA B 240 10.28 -12.66 0.90
CA ALA B 240 10.15 -11.85 -0.31
C ALA B 240 11.51 -11.56 -0.90
N GLY B 241 12.48 -11.36 -0.05
CA GLY B 241 13.80 -11.37 -0.59
C GLY B 241 14.53 -10.07 -0.38
N GLU B 242 15.68 -10.03 -1.02
CA GLU B 242 16.62 -8.92 -0.95
C GLU B 242 16.04 -7.71 -1.68
N ASN B 243 15.95 -6.59 -0.96
CA ASN B 243 15.49 -5.33 -1.54
C ASN B 243 14.11 -5.44 -2.18
N SER B 244 13.31 -6.38 -1.68
CA SER B 244 11.94 -6.49 -2.14
C SER B 244 11.20 -5.19 -1.87
N LYS B 245 10.05 -5.04 -2.50
CA LYS B 245 9.28 -3.81 -2.41
C LYS B 245 7.91 -4.13 -1.80
N ALA B 246 7.63 -3.55 -0.63
CA ALA B 246 6.40 -3.78 0.11
C ALA B 246 5.37 -2.69 -0.18
N GLU B 247 4.11 -3.11 -0.34
CA GLU B 247 3.00 -2.19 -0.59
C GLU B 247 1.87 -2.58 0.36
N LEU B 248 1.20 -1.59 0.92
CA LEU B 248 0.04 -1.84 1.78
C LEU B 248 -1.18 -2.02 0.88
N ILE B 249 -1.74 -3.22 0.89
CA ILE B 249 -2.85 -3.55 0.00
C ILE B 249 -4.17 -3.60 0.71
N HIS B 250 -4.18 -3.52 2.04
CA HIS B 250 -5.46 -3.52 2.74
C HIS B 250 -5.32 -2.93 4.13
N ASN B 251 -6.36 -2.24 4.59
CA ASN B 251 -6.42 -1.88 5.98
C ASN B 251 -7.89 -1.76 6.37
N SER B 252 -8.21 -2.30 7.55
CA SER B 252 -9.54 -2.29 8.16
C SER B 252 -9.34 -2.34 9.65
N TRP B 253 -10.37 -1.96 10.37
CA TRP B 253 -10.31 -1.93 11.82
C TRP B 253 -11.55 -2.57 12.40
N ASP B 254 -11.38 -3.24 13.53
CA ASP B 254 -12.58 -3.75 14.18
C ASP B 254 -12.94 -2.86 15.36
N GLY B 255 -12.13 -2.86 16.40
CA GLY B 255 -12.57 -2.11 17.55
C GLY B 255 -11.99 -0.73 17.53
N GLY B 256 -11.56 -0.27 16.37
CA GLY B 256 -10.65 0.86 16.37
C GLY B 256 -9.26 0.53 16.86
N ILE B 257 -8.97 -0.75 17.11
CA ILE B 257 -7.72 -1.11 17.74
C ILE B 257 -7.15 -2.38 17.10
N MET B 258 -7.97 -3.14 16.38
CA MET B 258 -7.47 -4.36 15.74
C MET B 258 -7.33 -4.14 14.24
N SER B 259 -6.13 -3.78 13.79
CA SER B 259 -5.96 -3.52 12.36
C SER B 259 -5.98 -4.80 11.55
N TYR B 260 -6.53 -4.72 10.36
CA TYR B 260 -6.51 -5.84 9.43
C TYR B 260 -5.49 -5.62 8.34
N GLY B 261 -4.57 -4.68 8.56
CA GLY B 261 -3.66 -4.24 7.53
C GLY B 261 -2.95 -5.42 6.91
N SER B 262 -2.83 -5.41 5.60
CA SER B 262 -2.21 -6.51 4.90
C SER B 262 -1.33 -5.96 3.79
N TYR B 263 -0.13 -6.53 3.70
CA TYR B 263 0.96 -6.06 2.87
C TYR B 263 1.36 -7.12 1.85
N LYS B 264 1.86 -6.65 0.70
CA LYS B 264 2.38 -7.49 -0.36
C LYS B 264 3.84 -7.13 -0.60
N PHE B 265 4.70 -8.12 -0.63
CA PHE B 265 6.11 -7.95 -0.86
C PHE B 265 6.45 -8.48 -2.24
N THR B 266 7.11 -7.66 -3.06
CA THR B 266 7.43 -8.03 -4.44
C THR B 266 8.94 -7.96 -4.60
N SER B 267 9.54 -9.10 -4.96
CA SER B 267 10.98 -9.12 -5.09
C SER B 267 11.41 -8.52 -6.42
N THR B 268 12.60 -7.94 -6.41
CA THR B 268 13.18 -7.38 -7.60
C THR B 268 14.68 -7.71 -7.58
FE FE C . 3.55 21.83 -2.38
FE FE D . -5.74 -14.76 15.89
#